data_9H2X
#
_entry.id   9H2X
#
_cell.length_a   39.349
_cell.length_b   179.535
_cell.length_c   140.115
_cell.angle_alpha   90
_cell.angle_beta   90
_cell.angle_gamma   90
#
_symmetry.space_group_name_H-M   'C 2 2 21'
#
loop_
_entity.id
_entity.type
_entity.pdbx_description
1 polymer 'Adenosine receptor A2a,Soluble cytochrome b562'
2 non-polymer 'SODIUM ION'
3 non-polymer CHOLESTEROL
4 non-polymer 'OLEIC ACID'
5 non-polymer 4-(furan-2-yl)-6-(6-imidazol-1-ylpyridin-2-yl)-1,3,5-triazin-2-amine
6 water water
#
_entity_poly.entity_id   1
_entity_poly.type   'polypeptide(L)'
_entity_poly.pdbx_seq_one_letter_code
;DYKDDDDGAPPIMGSSVYITVELAIAVLAILGNVLVCWAVWLNSNLQNVTNYFVVSLAAADILVGVLAIPFAITISTGFC
AACHGCLFIACFVLVLAQSSIFSLLAIAIDRYIAIAIPLRYNGLVTGTRAAGIIAICWVLSFAIGLTPMLGWNNCGQPKE
GKAHSQGCGEGQVACLFEDVVPMNYMVYFNFFACVLVPLLLMLGVYLRIFAAARRQLADLEDNWETLNDNLKVIEKADNA
AQVKDALTKMRAAALDAQKATPPKLEDKSPDSPEMKDFRHGFDILVGQIDDALKLANEGKVKEAQAAAEQLKTTRNAYIQ
KYLERARSTLQKEVHAAKSAAIIAGLFALCWLPLHIINCFTFFCPDCSHAPLWLMYLAIVLAHTNSVVNPFIYAYRIREF
RQTFRKIIRSHVLRQQEPFKAAAHHHHHHHHHH
;
_entity_poly.pdbx_strand_id   A
#
# COMPACT_ATOMS: atom_id res chain seq x y z
N ALA A 9 3.68 12.51 -41.63
CA ALA A 9 3.27 11.11 -41.75
C ALA A 9 1.79 10.96 -41.40
N PRO A 10 1.07 9.99 -42.00
CA PRO A 10 -0.36 9.83 -41.67
C PRO A 10 -0.60 9.61 -40.16
N PRO A 11 -1.51 10.41 -39.57
CA PRO A 11 -1.74 10.27 -38.12
C PRO A 11 -2.21 8.87 -37.71
N ILE A 12 -2.92 8.17 -38.60
CA ILE A 12 -3.39 6.83 -38.31
C ILE A 12 -2.25 5.84 -38.03
N MET A 13 -1.04 6.10 -38.52
CA MET A 13 0.08 5.20 -38.30
C MET A 13 0.60 5.23 -36.87
N GLY A 14 0.95 6.41 -36.36
CA GLY A 14 1.42 6.56 -34.99
C GLY A 14 0.30 6.24 -34.01
N SER A 15 -0.94 6.64 -34.35
N SER A 15 -0.94 6.63 -34.37
CA SER A 15 -2.08 6.31 -33.52
CA SER A 15 -2.12 6.31 -33.57
C SER A 15 -2.29 4.79 -33.46
C SER A 15 -2.29 4.80 -33.47
N SER A 16 -2.02 4.06 -34.57
CA SER A 16 -2.16 2.61 -34.58
CA SER A 16 -2.15 2.60 -34.57
C SER A 16 -1.24 1.91 -33.56
N VAL A 17 0.01 2.38 -33.41
CA VAL A 17 0.94 1.79 -32.44
C VAL A 17 0.43 2.08 -31.02
N TYR A 18 0.11 3.36 -30.75
CA TYR A 18 -0.43 3.74 -29.43
C TYR A 18 -1.68 2.90 -29.07
N ILE A 19 -2.65 2.78 -30.00
CA ILE A 19 -3.90 2.02 -29.79
C ILE A 19 -3.65 0.55 -29.55
N THR A 20 -2.78 -0.06 -30.36
CA THR A 20 -2.48 -1.48 -30.16
C THR A 20 -1.87 -1.75 -28.79
N VAL A 21 -0.90 -0.90 -28.37
CA VAL A 21 -0.27 -1.05 -27.06
C VAL A 21 -1.31 -0.85 -25.96
N GLU A 22 -2.18 0.16 -26.11
CA GLU A 22 -3.24 0.38 -25.10
C GLU A 22 -4.15 -0.86 -24.97
N LEU A 23 -4.54 -1.45 -26.11
CA LEU A 23 -5.40 -2.62 -26.08
C LEU A 23 -4.71 -3.81 -25.44
N ALA A 24 -3.41 -4.00 -25.71
CA ALA A 24 -2.65 -5.08 -25.07
C ALA A 24 -2.60 -4.86 -23.54
N ILE A 25 -2.36 -3.63 -23.10
CA ILE A 25 -2.35 -3.33 -21.65
C ILE A 25 -3.73 -3.59 -21.05
N ALA A 26 -4.81 -3.17 -21.74
CA ALA A 26 -6.18 -3.38 -21.26
C ALA A 26 -6.46 -4.88 -21.04
N VAL A 27 -6.07 -5.74 -21.96
CA VAL A 27 -6.22 -7.18 -21.81
C VAL A 27 -5.52 -7.71 -20.55
N LEU A 28 -4.23 -7.35 -20.38
CA LEU A 28 -3.46 -7.82 -19.24
C LEU A 28 -3.99 -7.25 -17.93
N ALA A 29 -4.44 -6.00 -17.93
CA ALA A 29 -4.97 -5.38 -16.72
C ALA A 29 -6.23 -6.13 -16.26
N ILE A 30 -7.10 -6.47 -17.21
CA ILE A 30 -8.34 -7.20 -16.85
C ILE A 30 -8.00 -8.62 -16.40
N LEU A 31 -7.20 -9.36 -17.19
CA LEU A 31 -6.85 -10.73 -16.82
C LEU A 31 -6.20 -10.89 -15.45
N GLY A 32 -5.16 -10.12 -15.15
CA GLY A 32 -4.44 -10.27 -13.89
C GLY A 32 -5.25 -9.84 -12.69
N ASN A 33 -6.04 -8.76 -12.86
CA ASN A 33 -6.81 -8.24 -11.72
C ASN A 33 -8.07 -9.06 -11.44
N VAL A 34 -8.68 -9.67 -12.47
CA VAL A 34 -9.79 -10.61 -12.28
C VAL A 34 -9.23 -11.83 -11.49
N LEU A 35 -7.99 -12.29 -11.82
CA LEU A 35 -7.32 -13.37 -11.09
C LEU A 35 -7.13 -13.01 -9.61
N VAL A 36 -6.73 -11.76 -9.30
CA VAL A 36 -6.61 -11.30 -7.92
C VAL A 36 -7.97 -11.41 -7.21
N CYS A 37 -9.05 -10.89 -7.84
CA CYS A 37 -10.37 -10.92 -7.22
C CYS A 37 -10.85 -12.37 -7.02
N TRP A 38 -10.59 -13.23 -8.01
CA TRP A 38 -10.94 -14.66 -7.97
CA TRP A 38 -10.96 -14.65 -7.91
C TRP A 38 -10.22 -15.35 -6.78
N ALA A 39 -8.93 -15.05 -6.59
CA ALA A 39 -8.14 -15.66 -5.52
C ALA A 39 -8.69 -15.28 -4.15
N VAL A 40 -9.07 -14.00 -3.98
CA VAL A 40 -9.61 -13.57 -2.70
C VAL A 40 -10.99 -14.19 -2.44
N TRP A 41 -11.86 -14.24 -3.45
CA TRP A 41 -13.19 -14.82 -3.32
C TRP A 41 -13.09 -16.32 -2.91
N LEU A 42 -12.25 -17.08 -3.57
CA LEU A 42 -12.11 -18.51 -3.34
C LEU A 42 -11.35 -18.97 -2.11
N ASN A 43 -10.31 -18.23 -1.70
CA ASN A 43 -9.47 -18.66 -0.58
C ASN A 43 -9.72 -17.86 0.73
N SER A 44 -10.19 -18.55 1.80
CA SER A 44 -10.47 -17.88 3.07
C SER A 44 -9.22 -17.39 3.77
N ASN A 45 -8.04 -17.98 3.52
CA ASN A 45 -6.79 -17.48 4.09
C ASN A 45 -6.40 -16.08 3.49
N LEU A 46 -7.00 -15.72 2.34
CA LEU A 46 -6.80 -14.41 1.71
C LEU A 46 -7.93 -13.44 2.09
N GLN A 47 -8.96 -13.86 2.87
CA GLN A 47 -10.07 -13.00 3.22
C GLN A 47 -9.83 -12.30 4.54
N ASN A 48 -9.24 -11.13 4.44
CA ASN A 48 -8.92 -10.30 5.59
C ASN A 48 -9.05 -8.85 5.15
N VAL A 49 -9.07 -7.91 6.09
CA VAL A 49 -9.26 -6.49 5.80
C VAL A 49 -8.28 -5.93 4.81
N THR A 50 -6.99 -6.23 4.98
CA THR A 50 -5.95 -5.75 4.05
C THR A 50 -6.28 -6.12 2.60
N ASN A 51 -6.76 -7.36 2.40
CA ASN A 51 -7.09 -7.84 1.08
C ASN A 51 -8.43 -7.32 0.52
N TYR A 52 -9.29 -6.75 1.36
CA TYR A 52 -10.51 -6.09 0.84
C TYR A 52 -10.09 -4.79 0.10
N PHE A 53 -9.08 -4.08 0.61
CA PHE A 53 -8.52 -2.89 -0.05
C PHE A 53 -7.71 -3.33 -1.29
N VAL A 54 -7.08 -4.51 -1.25
CA VAL A 54 -6.38 -5.07 -2.41
C VAL A 54 -7.40 -5.31 -3.53
N VAL A 55 -8.60 -5.85 -3.19
CA VAL A 55 -9.65 -6.10 -4.18
C VAL A 55 -10.22 -4.78 -4.71
N SER A 56 -10.38 -3.77 -3.83
CA SER A 56 -10.84 -2.44 -4.31
C SER A 56 -9.83 -1.88 -5.34
N LEU A 57 -8.54 -2.09 -5.08
CA LEU A 57 -7.46 -1.64 -5.97
C LEU A 57 -7.52 -2.42 -7.30
N ALA A 58 -7.72 -3.73 -7.24
CA ALA A 58 -7.86 -4.56 -8.43
C ALA A 58 -9.12 -4.18 -9.24
N ALA A 59 -10.23 -3.77 -8.59
CA ALA A 59 -11.44 -3.33 -9.27
C ALA A 59 -11.16 -2.05 -10.05
N ALA A 60 -10.42 -1.10 -9.45
CA ALA A 60 -10.03 0.13 -10.13
C ALA A 60 -9.16 -0.23 -11.38
N ASP A 61 -8.29 -1.22 -11.26
CA ASP A 61 -7.42 -1.63 -12.38
C ASP A 61 -8.19 -2.35 -13.47
N ILE A 62 -9.22 -3.14 -13.12
CA ILE A 62 -10.09 -3.77 -14.11
C ILE A 62 -10.83 -2.68 -14.87
N LEU A 63 -11.32 -1.63 -14.18
CA LEU A 63 -12.02 -0.53 -14.84
C LEU A 63 -11.08 0.32 -15.69
N VAL A 64 -9.77 0.36 -15.39
CA VAL A 64 -8.82 1.06 -16.29
C VAL A 64 -8.84 0.29 -17.66
N GLY A 65 -8.86 -1.05 -17.62
CA GLY A 65 -8.89 -1.84 -18.85
C GLY A 65 -10.22 -1.74 -19.59
N VAL A 66 -11.32 -1.84 -18.86
CA VAL A 66 -12.64 -1.84 -19.46
C VAL A 66 -13.10 -0.48 -19.96
N LEU A 67 -12.83 0.58 -19.16
CA LEU A 67 -13.30 1.91 -19.45
C LEU A 67 -12.24 2.96 -19.71
N ALA A 68 -11.24 3.15 -18.81
CA ALA A 68 -10.29 4.26 -19.00
C ALA A 68 -9.47 4.12 -20.28
N ILE A 69 -9.03 2.92 -20.62
CA ILE A 69 -8.24 2.72 -21.85
C ILE A 69 -9.10 2.96 -23.13
N PRO A 70 -10.31 2.37 -23.30
CA PRO A 70 -11.19 2.75 -24.42
C PRO A 70 -11.46 4.27 -24.44
N PHE A 71 -11.64 4.91 -23.28
CA PHE A 71 -11.84 6.37 -23.25
C PHE A 71 -10.57 7.12 -23.72
N ALA A 72 -9.38 6.68 -23.30
CA ALA A 72 -8.13 7.33 -23.74
C ALA A 72 -7.95 7.18 -25.26
N ILE A 73 -8.27 5.99 -25.81
CA ILE A 73 -8.20 5.74 -27.27
C ILE A 73 -9.19 6.70 -27.99
N THR A 74 -10.40 6.81 -27.45
CA THR A 74 -11.41 7.70 -28.02
C THR A 74 -10.94 9.15 -28.04
N ILE A 75 -10.44 9.65 -26.91
N ILE A 75 -10.45 9.65 -26.90
CA ILE A 75 -9.93 11.02 -26.81
CA ILE A 75 -10.03 11.05 -26.80
C ILE A 75 -8.81 11.27 -27.80
C ILE A 75 -8.73 11.33 -27.59
N SER A 76 -7.93 10.29 -27.98
CA SER A 76 -6.77 10.45 -28.86
C SER A 76 -7.21 10.82 -30.31
N THR A 77 -8.46 10.50 -30.69
CA THR A 77 -8.96 10.80 -32.04
C THR A 77 -9.31 12.28 -32.21
N GLY A 78 -9.60 12.98 -31.12
CA GLY A 78 -10.05 14.36 -31.19
C GLY A 78 -11.42 14.47 -31.81
N PHE A 79 -12.26 13.41 -31.72
CA PHE A 79 -13.62 13.39 -32.27
C PHE A 79 -14.51 14.53 -31.74
N CYS A 80 -15.47 14.97 -32.56
CA CYS A 80 -16.43 16.01 -32.20
C CYS A 80 -17.34 15.47 -31.08
N ALA A 81 -17.55 16.24 -30.02
CA ALA A 81 -18.38 15.80 -28.91
C ALA A 81 -18.93 16.98 -28.17
N ALA A 82 -20.07 16.80 -27.46
CA ALA A 82 -20.62 17.79 -26.54
C ALA A 82 -19.55 17.99 -25.46
N CYS A 83 -19.21 19.24 -25.11
CA CYS A 83 -18.07 19.47 -24.23
C CYS A 83 -18.14 18.74 -22.90
N HIS A 84 -19.32 18.64 -22.29
CA HIS A 84 -19.44 17.97 -21.01
C HIS A 84 -19.38 16.42 -21.12
N GLY A 85 -19.71 15.89 -22.28
CA GLY A 85 -19.53 14.46 -22.54
C GLY A 85 -18.05 14.16 -22.71
N CYS A 86 -17.34 15.05 -23.42
CA CYS A 86 -15.90 14.94 -23.59
C CYS A 86 -15.20 15.00 -22.21
N LEU A 87 -15.66 15.90 -21.36
CA LEU A 87 -15.13 16.05 -20.03
C LEU A 87 -15.28 14.77 -19.22
N PHE A 88 -16.42 14.06 -19.33
CA PHE A 88 -16.59 12.81 -18.56
C PHE A 88 -15.58 11.75 -19.01
N ILE A 89 -15.46 11.55 -20.32
CA ILE A 89 -14.51 10.53 -20.80
C ILE A 89 -13.06 10.92 -20.48
N ALA A 90 -12.76 12.24 -20.42
CA ALA A 90 -11.41 12.68 -20.05
C ALA A 90 -11.16 12.43 -18.54
N CYS A 91 -12.14 12.74 -17.68
CA CYS A 91 -11.94 12.69 -16.23
C CYS A 91 -12.13 11.35 -15.59
N PHE A 92 -12.81 10.38 -16.24
CA PHE A 92 -13.09 9.11 -15.54
C PHE A 92 -11.85 8.41 -15.01
N VAL A 93 -10.71 8.48 -15.76
CA VAL A 93 -9.47 7.84 -15.29
C VAL A 93 -8.99 8.48 -13.95
N LEU A 94 -9.26 9.79 -13.75
CA LEU A 94 -8.88 10.48 -12.50
C LEU A 94 -9.63 9.89 -11.30
N VAL A 95 -10.86 9.41 -11.51
CA VAL A 95 -11.66 8.75 -10.47
C VAL A 95 -10.95 7.44 -10.07
N LEU A 96 -10.49 6.68 -11.05
CA LEU A 96 -9.85 5.40 -10.83
C LEU A 96 -8.51 5.59 -10.18
N ALA A 97 -7.73 6.59 -10.62
CA ALA A 97 -6.43 6.85 -9.99
C ALA A 97 -6.66 7.30 -8.53
N GLN A 98 -7.69 8.10 -8.28
CA GLN A 98 -7.96 8.58 -6.92
C GLN A 98 -8.35 7.45 -6.02
N SER A 99 -9.20 6.53 -6.52
CA SER A 99 -9.60 5.36 -5.75
C SER A 99 -8.40 4.51 -5.42
N SER A 100 -7.45 4.36 -6.39
CA SER A 100 -6.21 3.61 -6.15
C SER A 100 -5.41 4.25 -5.01
N ILE A 101 -5.27 5.57 -5.01
CA ILE A 101 -4.55 6.28 -3.96
C ILE A 101 -5.21 6.01 -2.57
N PHE A 102 -6.53 6.10 -2.49
CA PHE A 102 -7.23 5.86 -1.21
C PHE A 102 -7.00 4.39 -0.78
N SER A 103 -7.06 3.43 -1.73
CA SER A 103 -6.78 2.01 -1.38
C SER A 103 -5.33 1.83 -0.89
N LEU A 104 -4.36 2.47 -1.55
CA LEU A 104 -2.94 2.34 -1.14
C LEU A 104 -2.72 2.94 0.26
N LEU A 105 -3.35 4.08 0.53
CA LEU A 105 -3.22 4.73 1.84
C LEU A 105 -3.86 3.87 2.93
N ALA A 106 -5.01 3.26 2.63
CA ALA A 106 -5.69 2.40 3.59
C ALA A 106 -4.86 1.15 3.90
N ILE A 107 -4.21 0.56 2.89
CA ILE A 107 -3.35 -0.61 3.10
C ILE A 107 -2.17 -0.24 4.02
N ALA A 108 -1.55 0.93 3.80
CA ALA A 108 -0.41 1.39 4.61
C ALA A 108 -0.86 1.58 6.08
N ILE A 109 -2.01 2.24 6.29
CA ILE A 109 -2.53 2.48 7.62
C ILE A 109 -2.88 1.16 8.29
N ASP A 110 -3.50 0.24 7.55
CA ASP A 110 -3.84 -1.08 8.07
C ASP A 110 -2.59 -1.80 8.61
N ARG A 111 -1.50 -1.79 7.82
CA ARG A 111 -0.25 -2.42 8.21
C ARG A 111 0.42 -1.70 9.40
N TYR A 112 0.25 -0.38 9.51
CA TYR A 112 0.76 0.35 10.66
C TYR A 112 -0.01 -0.03 11.94
N ILE A 113 -1.34 -0.13 11.87
CA ILE A 113 -2.13 -0.51 13.03
C ILE A 113 -1.75 -1.94 13.48
N ALA A 114 -1.54 -2.84 12.52
CA ALA A 114 -1.16 -4.22 12.83
C ALA A 114 0.19 -4.36 13.54
N ILE A 115 1.17 -3.49 13.26
CA ILE A 115 2.47 -3.57 13.92
C ILE A 115 2.55 -2.70 15.19
N ALA A 116 1.84 -1.56 15.21
CA ALA A 116 1.91 -0.66 16.35
C ALA A 116 1.01 -1.14 17.47
N ILE A 117 -0.20 -1.65 17.15
CA ILE A 117 -1.12 -2.13 18.17
C ILE A 117 -1.74 -3.49 17.83
N PRO A 118 -0.94 -4.56 17.78
CA PRO A 118 -1.48 -5.88 17.42
C PRO A 118 -2.59 -6.41 18.32
N LEU A 119 -2.53 -6.10 19.63
CA LEU A 119 -3.56 -6.56 20.57
C LEU A 119 -4.91 -5.85 20.35
N ARG A 120 -4.91 -4.65 19.77
CA ARG A 120 -6.13 -3.90 19.48
C ARG A 120 -6.56 -4.01 17.99
N TYR A 121 -5.67 -4.53 17.10
CA TYR A 121 -5.96 -4.63 15.67
C TYR A 121 -7.29 -5.30 15.33
N ASN A 122 -7.54 -6.54 15.80
CA ASN A 122 -8.75 -7.27 15.43
C ASN A 122 -10.07 -6.61 15.88
N GLY A 123 -10.04 -5.89 16.99
CA GLY A 123 -11.23 -5.18 17.46
C GLY A 123 -11.42 -3.81 16.86
N LEU A 124 -10.36 -3.27 16.22
CA LEU A 124 -10.42 -1.94 15.61
C LEU A 124 -10.70 -2.04 14.10
N VAL A 125 -9.98 -2.93 13.43
CA VAL A 125 -10.08 -3.07 12.00
C VAL A 125 -10.90 -4.31 11.67
N THR A 126 -12.17 -4.13 11.29
CA THR A 126 -13.08 -5.22 10.94
C THR A 126 -13.50 -5.12 9.48
N GLY A 127 -13.98 -6.24 8.92
CA GLY A 127 -14.49 -6.30 7.55
C GLY A 127 -15.61 -5.32 7.32
N THR A 128 -16.50 -5.16 8.30
CA THR A 128 -17.61 -4.21 8.21
C THR A 128 -17.15 -2.76 8.14
N ARG A 129 -16.18 -2.36 8.99
CA ARG A 129 -15.65 -1.00 8.94
C ARG A 129 -14.88 -0.81 7.63
N ALA A 130 -14.11 -1.82 7.20
CA ALA A 130 -13.36 -1.77 5.92
C ALA A 130 -14.29 -1.55 4.71
N ALA A 131 -15.42 -2.28 4.63
CA ALA A 131 -16.35 -2.13 3.51
C ALA A 131 -16.98 -0.72 3.48
N GLY A 132 -17.20 -0.14 4.65
CA GLY A 132 -17.74 1.22 4.75
C GLY A 132 -16.74 2.23 4.24
N ILE A 133 -15.46 2.06 4.64
CA ILE A 133 -14.38 2.94 4.22
C ILE A 133 -14.22 2.86 2.71
N ILE A 134 -14.24 1.64 2.16
CA ILE A 134 -14.11 1.48 0.70
C ILE A 134 -15.24 2.19 -0.06
N ALA A 135 -16.48 2.07 0.44
CA ALA A 135 -17.63 2.72 -0.20
C ALA A 135 -17.47 4.26 -0.16
N ILE A 136 -17.04 4.79 1.01
CA ILE A 136 -16.83 6.24 1.17
C ILE A 136 -15.71 6.71 0.25
N CYS A 137 -14.65 5.91 0.16
CA CYS A 137 -13.53 6.26 -0.68
C CYS A 137 -13.91 6.28 -2.16
N TRP A 138 -14.76 5.34 -2.62
CA TRP A 138 -15.22 5.38 -4.02
C TRP A 138 -16.07 6.64 -4.30
N VAL A 139 -16.94 7.03 -3.37
CA VAL A 139 -17.73 8.25 -3.49
C VAL A 139 -16.80 9.47 -3.57
N LEU A 140 -15.83 9.57 -2.66
CA LEU A 140 -14.89 10.68 -2.68
C LEU A 140 -14.04 10.71 -3.98
N SER A 141 -13.67 9.55 -4.50
N SER A 141 -13.68 9.54 -4.52
CA SER A 141 -12.90 9.44 -5.73
CA SER A 141 -12.91 9.44 -5.75
C SER A 141 -13.72 10.00 -6.91
C SER A 141 -13.71 9.99 -6.93
N PHE A 142 -15.03 9.71 -6.96
CA PHE A 142 -15.89 10.27 -8.00
C PHE A 142 -15.97 11.80 -7.83
N ALA A 143 -16.16 12.29 -6.59
CA ALA A 143 -16.23 13.74 -6.35
C ALA A 143 -14.92 14.46 -6.78
N ILE A 144 -13.74 13.91 -6.43
CA ILE A 144 -12.46 14.52 -6.77
C ILE A 144 -12.19 14.42 -8.31
N GLY A 145 -12.32 13.23 -8.86
CA GLY A 145 -11.99 13.01 -10.28
C GLY A 145 -12.94 13.70 -11.22
N LEU A 146 -14.23 13.85 -10.81
CA LEU A 146 -15.20 14.55 -11.66
C LEU A 146 -15.46 15.98 -11.22
N THR A 147 -14.61 16.57 -10.37
CA THR A 147 -14.71 18.00 -10.01
C THR A 147 -14.79 18.91 -11.25
N PRO A 148 -14.04 18.67 -12.35
CA PRO A 148 -14.23 19.50 -13.55
C PRO A 148 -15.67 19.52 -14.08
N MET A 149 -16.43 18.43 -13.93
N MET A 149 -16.44 18.41 -13.92
CA MET A 149 -17.84 18.42 -14.34
CA MET A 149 -17.86 18.36 -14.38
C MET A 149 -18.73 19.32 -13.45
C MET A 149 -18.74 19.41 -13.71
N LEU A 150 -18.20 19.77 -12.31
N LEU A 150 -18.42 19.76 -12.46
CA LEU A 150 -18.89 20.73 -11.43
CA LEU A 150 -19.16 20.75 -11.67
C LEU A 150 -18.64 22.20 -11.84
C LEU A 150 -18.94 22.21 -12.12
N GLY A 151 -17.95 22.43 -12.97
CA GLY A 151 -17.70 23.77 -13.51
C GLY A 151 -16.26 24.20 -13.64
N TRP A 152 -15.33 23.44 -13.07
CA TRP A 152 -13.92 23.78 -13.20
C TRP A 152 -13.46 23.16 -14.49
N ASN A 153 -13.84 23.77 -15.59
CA ASN A 153 -13.51 23.20 -16.91
C ASN A 153 -13.34 24.30 -17.96
N ASN A 154 -12.92 23.95 -19.18
CA ASN A 154 -12.75 24.95 -20.24
C ASN A 154 -13.94 24.93 -21.23
N CYS A 155 -15.11 24.38 -20.84
CA CYS A 155 -16.27 24.32 -21.76
C CYS A 155 -16.87 25.70 -22.05
N GLY A 156 -16.66 26.66 -21.15
CA GLY A 156 -17.07 28.04 -21.34
C GLY A 156 -16.20 28.79 -22.34
N GLN A 157 -15.04 28.25 -22.72
CA GLN A 157 -14.13 28.89 -23.65
C GLN A 157 -13.70 27.91 -24.73
N PRO A 158 -14.65 27.42 -25.55
CA PRO A 158 -14.28 26.40 -26.54
C PRO A 158 -13.38 26.93 -27.66
N LYS A 159 -12.57 26.02 -28.22
CA LYS A 159 -11.69 26.33 -29.34
C LYS A 159 -12.54 26.19 -30.58
N GLU A 160 -13.27 27.26 -30.92
CA GLU A 160 -14.22 27.23 -32.03
C GLU A 160 -13.58 27.06 -33.40
N GLY A 161 -12.34 27.49 -33.57
CA GLY A 161 -11.63 27.33 -34.83
C GLY A 161 -11.29 25.89 -35.10
N LYS A 162 -10.86 25.18 -34.06
CA LYS A 162 -10.55 23.77 -34.13
C LYS A 162 -11.86 22.99 -34.35
N ALA A 163 -12.94 23.37 -33.65
CA ALA A 163 -14.24 22.73 -33.79
C ALA A 163 -14.77 22.91 -35.25
N HIS A 164 -14.69 24.12 -35.81
CA HIS A 164 -15.13 24.36 -37.20
C HIS A 164 -14.24 23.64 -38.21
N SER A 165 -12.91 23.61 -37.98
CA SER A 165 -12.01 22.92 -38.91
C SER A 165 -12.35 21.43 -38.99
N GLN A 166 -12.81 20.84 -37.88
CA GLN A 166 -13.19 19.42 -37.84
C GLN A 166 -14.64 19.16 -38.24
N GLY A 167 -15.41 20.19 -38.55
CA GLY A 167 -16.80 20.03 -38.93
C GLY A 167 -17.72 19.74 -37.76
N CYS A 168 -17.32 20.11 -36.51
CA CYS A 168 -18.15 19.88 -35.32
C CYS A 168 -19.43 20.73 -35.36
N GLY A 169 -20.46 20.26 -34.66
CA GLY A 169 -21.73 20.95 -34.62
C GLY A 169 -21.81 21.95 -33.49
N GLU A 170 -22.99 22.59 -33.30
CA GLU A 170 -23.15 23.56 -32.23
C GLU A 170 -23.13 22.90 -30.87
N GLY A 171 -22.41 23.52 -29.95
CA GLY A 171 -22.21 22.98 -28.62
C GLY A 171 -21.16 21.88 -28.57
N GLN A 172 -20.54 21.56 -29.73
CA GLN A 172 -19.51 20.52 -29.78
C GLN A 172 -18.11 21.12 -29.85
N VAL A 173 -17.12 20.36 -29.38
CA VAL A 173 -15.72 20.72 -29.46
C VAL A 173 -14.97 19.50 -30.00
N ALA A 174 -13.71 19.71 -30.46
CA ALA A 174 -12.83 18.58 -30.76
C ALA A 174 -12.44 18.05 -29.35
N CYS A 175 -12.71 16.79 -29.10
CA CYS A 175 -12.52 16.23 -27.77
C CYS A 175 -11.09 15.86 -27.53
N LEU A 176 -10.38 16.74 -26.80
CA LEU A 176 -8.99 16.57 -26.46
C LEU A 176 -8.87 16.85 -24.98
N PHE A 177 -8.14 16.00 -24.25
CA PHE A 177 -8.01 16.13 -22.78
C PHE A 177 -7.59 17.51 -22.34
N GLU A 178 -6.48 18.02 -22.91
CA GLU A 178 -5.97 19.32 -22.51
C GLU A 178 -6.80 20.51 -23.02
N ASP A 179 -7.77 20.28 -23.92
CA ASP A 179 -8.64 21.37 -24.34
C ASP A 179 -9.80 21.54 -23.36
N VAL A 180 -10.22 20.48 -22.66
CA VAL A 180 -11.40 20.59 -21.78
C VAL A 180 -11.05 20.57 -20.29
N VAL A 181 -9.97 19.85 -19.92
CA VAL A 181 -9.61 19.78 -18.50
C VAL A 181 -8.62 20.90 -18.20
N PRO A 182 -8.91 21.84 -17.25
CA PRO A 182 -7.96 22.92 -16.98
C PRO A 182 -6.64 22.42 -16.40
N MET A 183 -5.51 23.01 -16.81
N MET A 183 -5.52 23.03 -16.80
CA MET A 183 -4.23 22.57 -16.29
CA MET A 183 -4.22 22.62 -16.27
C MET A 183 -4.00 23.03 -14.84
C MET A 183 -4.02 23.02 -14.83
N ASN A 184 -4.62 24.14 -14.38
CA ASN A 184 -4.50 24.54 -12.97
C ASN A 184 -5.19 23.47 -12.08
N TYR A 185 -6.29 22.88 -12.53
CA TYR A 185 -6.92 21.75 -11.82
C TYR A 185 -5.94 20.56 -11.82
N MET A 186 -5.37 20.21 -13.00
CA MET A 186 -4.51 19.06 -13.08
C MET A 186 -3.27 19.16 -12.20
N VAL A 187 -2.69 20.34 -12.11
CA VAL A 187 -1.48 20.52 -11.32
C VAL A 187 -1.75 20.76 -9.84
N TYR A 188 -2.53 21.81 -9.54
CA TYR A 188 -2.72 22.16 -8.13
C TYR A 188 -3.64 21.21 -7.41
N PHE A 189 -4.78 20.89 -8.01
CA PHE A 189 -5.79 20.10 -7.31
C PHE A 189 -5.53 18.63 -7.44
N ASN A 190 -5.47 18.13 -8.66
CA ASN A 190 -5.30 16.71 -8.86
C ASN A 190 -3.90 16.29 -8.41
N PHE A 191 -2.83 16.88 -8.98
CA PHE A 191 -1.48 16.42 -8.67
C PHE A 191 -1.05 16.78 -7.24
N PHE A 192 -0.88 18.06 -6.93
CA PHE A 192 -0.33 18.44 -5.63
C PHE A 192 -1.22 17.98 -4.48
N ALA A 193 -2.49 18.38 -4.50
CA ALA A 193 -3.35 18.09 -3.34
C ALA A 193 -3.81 16.65 -3.27
N CYS A 194 -4.27 16.10 -4.39
CA CYS A 194 -4.91 14.78 -4.35
C CYS A 194 -4.01 13.57 -4.63
N VAL A 195 -2.82 13.79 -5.17
CA VAL A 195 -1.91 12.68 -5.46
C VAL A 195 -0.61 12.76 -4.62
N LEU A 196 0.11 13.89 -4.72
N LEU A 196 0.15 13.88 -4.74
CA LEU A 196 1.39 14.06 -4.06
CA LEU A 196 1.42 14.08 -4.03
C LEU A 196 1.26 14.05 -2.56
C LEU A 196 1.27 14.03 -2.55
N VAL A 197 0.29 14.78 -2.00
CA VAL A 197 0.11 14.81 -0.54
C VAL A 197 -0.20 13.40 0.02
N PRO A 198 -1.17 12.64 -0.53
CA PRO A 198 -1.40 11.27 -0.02
C PRO A 198 -0.19 10.36 -0.21
N LEU A 199 0.54 10.48 -1.34
CA LEU A 199 1.73 9.66 -1.54
C LEU A 199 2.81 10.01 -0.48
N LEU A 200 2.95 11.29 -0.11
CA LEU A 200 3.93 11.69 0.90
C LEU A 200 3.49 11.20 2.28
N LEU A 201 2.18 11.21 2.56
CA LEU A 201 1.61 10.67 3.79
C LEU A 201 1.87 9.15 3.86
N MET A 202 1.74 8.43 2.73
CA MET A 202 2.02 7.00 2.64
C MET A 202 3.49 6.72 2.94
N LEU A 203 4.40 7.53 2.40
CA LEU A 203 5.83 7.43 2.68
C LEU A 203 6.07 7.57 4.20
N GLY A 204 5.41 8.55 4.83
CA GLY A 204 5.49 8.78 6.26
C GLY A 204 4.99 7.58 7.05
N VAL A 205 3.86 6.99 6.61
CA VAL A 205 3.32 5.79 7.27
C VAL A 205 4.30 4.60 7.15
N TYR A 206 4.83 4.35 5.96
CA TYR A 206 5.80 3.26 5.77
C TYR A 206 7.09 3.47 6.60
N LEU A 207 7.58 4.71 6.71
CA LEU A 207 8.75 4.99 7.56
C LEU A 207 8.46 4.63 9.03
N ARG A 208 7.25 4.93 9.49
CA ARG A 208 6.83 4.61 10.84
C ARG A 208 6.67 3.09 11.02
N ILE A 209 6.20 2.37 9.98
CA ILE A 209 6.06 0.91 10.06
C ILE A 209 7.47 0.25 10.21
N PHE A 210 8.41 0.66 9.38
CA PHE A 210 9.74 0.07 9.41
C PHE A 210 10.51 0.46 10.69
N ALA A 211 10.28 1.68 11.20
CA ALA A 211 10.91 2.08 12.46
C ALA A 211 10.31 1.28 13.63
N ALA A 212 8.97 1.04 13.61
CA ALA A 212 8.32 0.25 14.66
C ALA A 212 8.83 -1.19 14.66
N ALA A 213 8.95 -1.81 13.48
CA ALA A 213 9.45 -3.17 13.37
C ALA A 213 10.90 -3.25 13.87
N ARG A 214 11.74 -2.30 13.47
CA ARG A 214 13.14 -2.25 13.85
C ARG A 214 13.29 -2.14 15.37
N ARG A 215 12.48 -1.29 16.00
CA ARG A 215 12.51 -1.07 17.44
C ARG A 215 12.00 -2.30 18.19
N GLN A 216 10.94 -2.94 17.69
CA GLN A 216 10.39 -4.13 18.32
C GLN A 216 11.32 -5.34 18.21
N LEU A 217 12.03 -5.48 17.09
CA LEU A 217 13.00 -6.57 16.92
C LEU A 217 14.21 -6.34 17.83
N ALA A 218 14.62 -5.06 18.00
CA ALA A 218 15.73 -4.70 18.90
C ALA A 218 15.33 -4.95 20.35
N ASP A 219 14.08 -4.64 20.72
CA ASP A 219 13.56 -4.88 22.05
C ASP A 219 13.50 -6.38 22.41
N LEU A 220 13.20 -7.25 21.44
CA LEU A 220 13.16 -8.69 21.68
C LEU A 220 14.57 -9.20 21.97
N GLU A 221 15.55 -8.75 21.17
CA GLU A 221 16.94 -9.15 21.34
C GLU A 221 17.55 -8.57 22.62
N ASP A 222 17.14 -7.36 23.02
CA ASP A 222 17.65 -6.75 24.23
C ASP A 222 17.15 -7.49 25.47
N ASN A 223 15.86 -7.88 25.50
CA ASN A 223 15.28 -8.61 26.63
C ASN A 223 15.89 -10.02 26.79
N TRP A 224 16.24 -10.64 25.67
CA TRP A 224 16.87 -11.94 25.64
C TRP A 224 18.31 -11.81 26.16
N GLU A 225 19.04 -10.78 25.71
CA GLU A 225 20.41 -10.56 26.17
C GLU A 225 20.43 -10.22 27.66
N THR A 226 19.48 -9.42 28.12
CA THR A 226 19.37 -9.02 29.52
C THR A 226 19.16 -10.24 30.42
N LEU A 227 18.35 -11.20 29.98
CA LEU A 227 18.11 -12.42 30.74
C LEU A 227 19.42 -13.21 30.90
N ASN A 228 20.17 -13.35 29.81
CA ASN A 228 21.43 -14.08 29.81
C ASN A 228 22.54 -13.37 30.58
N ASP A 229 22.57 -12.03 30.55
CA ASP A 229 23.56 -11.25 31.30
C ASP A 229 23.26 -11.35 32.78
N ASN A 230 21.99 -11.25 33.18
CA ASN A 230 21.62 -11.33 34.57
C ASN A 230 21.83 -12.73 35.16
N LEU A 231 21.72 -13.78 34.33
CA LEU A 231 22.01 -15.14 34.79
C LEU A 231 23.50 -15.23 35.15
N LYS A 232 24.38 -14.62 34.32
CA LYS A 232 25.82 -14.61 34.59
C LYS A 232 26.16 -13.78 35.84
N VAL A 233 25.49 -12.61 36.03
CA VAL A 233 25.67 -11.76 37.20
C VAL A 233 25.39 -12.58 38.49
N ILE A 234 24.32 -13.40 38.47
CA ILE A 234 23.96 -14.28 39.58
C ILE A 234 25.00 -15.38 39.82
N GLU A 235 25.50 -16.04 38.74
CA GLU A 235 26.52 -17.09 38.84
C GLU A 235 27.81 -16.58 39.45
N LYS A 236 28.19 -15.35 39.14
CA LYS A 236 29.43 -14.77 39.68
C LYS A 236 29.19 -13.88 40.91
N ALA A 237 27.96 -13.85 41.46
CA ALA A 237 27.66 -12.99 42.61
C ALA A 237 28.43 -13.43 43.84
N ASP A 238 28.85 -12.44 44.64
CA ASP A 238 29.62 -12.73 45.84
C ASP A 238 28.80 -12.69 47.14
N ASN A 239 27.53 -12.30 47.07
CA ASN A 239 26.64 -12.26 48.23
C ASN A 239 25.15 -12.32 47.80
N ALA A 240 24.25 -12.54 48.77
CA ALA A 240 22.81 -12.66 48.58
C ALA A 240 22.20 -11.38 48.02
N ALA A 241 22.72 -10.21 48.45
CA ALA A 241 22.22 -8.91 47.98
C ALA A 241 22.44 -8.73 46.48
N GLN A 242 23.56 -9.24 45.95
CA GLN A 242 23.84 -9.13 44.52
C GLN A 242 22.94 -10.04 43.71
N VAL A 243 22.65 -11.24 44.24
CA VAL A 243 21.72 -12.18 43.59
C VAL A 243 20.32 -11.53 43.56
N LYS A 244 19.90 -10.95 44.71
CA LYS A 244 18.63 -10.25 44.86
C LYS A 244 18.50 -9.11 43.85
N ASP A 245 19.53 -8.26 43.72
CA ASP A 245 19.48 -7.15 42.78
C ASP A 245 19.28 -7.62 41.34
N ALA A 246 20.00 -8.66 40.91
CA ALA A 246 19.87 -9.17 39.55
C ALA A 246 18.51 -9.86 39.34
N LEU A 247 17.98 -10.52 40.36
CA LEU A 247 16.68 -11.19 40.26
C LEU A 247 15.51 -10.20 40.20
N THR A 248 15.58 -9.10 40.97
CA THR A 248 14.52 -8.09 40.97
C THR A 248 14.34 -7.49 39.59
N LYS A 249 15.45 -7.30 38.85
CA LYS A 249 15.39 -6.80 37.48
C LYS A 249 14.89 -7.86 36.51
N MET A 250 15.21 -9.13 36.76
CA MET A 250 14.74 -10.23 35.93
C MET A 250 13.24 -10.37 36.06
N ARG A 251 12.70 -10.22 37.27
CA ARG A 251 11.25 -10.35 37.50
C ARG A 251 10.48 -9.26 36.77
N ALA A 252 10.93 -8.01 36.85
CA ALA A 252 10.31 -6.89 36.16
C ALA A 252 10.34 -7.09 34.64
N ALA A 253 11.49 -7.51 34.08
CA ALA A 253 11.61 -7.76 32.64
C ALA A 253 10.68 -8.89 32.19
N ALA A 254 10.57 -9.96 32.99
CA ALA A 254 9.71 -11.10 32.65
C ALA A 254 8.24 -10.68 32.59
N LEU A 255 7.76 -9.90 33.59
CA LEU A 255 6.40 -9.41 33.65
C LEU A 255 6.08 -8.46 32.50
N ASP A 256 7.06 -7.64 32.10
CA ASP A 256 6.92 -6.69 30.99
C ASP A 256 6.76 -7.47 29.68
N ALA A 257 7.50 -8.56 29.51
CA ALA A 257 7.39 -9.37 28.28
C ALA A 257 6.14 -10.27 28.25
N GLN A 258 5.57 -10.58 29.42
CA GLN A 258 4.39 -11.44 29.54
C GLN A 258 3.11 -10.72 29.09
N ASP A 277 1.50 -23.00 25.66
CA ASP A 277 2.84 -23.35 26.13
C ASP A 277 3.69 -22.12 26.45
N PHE A 278 3.46 -21.01 25.74
CA PHE A 278 4.21 -19.79 26.01
C PHE A 278 3.75 -19.14 27.31
N ARG A 279 2.45 -19.24 27.63
CA ARG A 279 1.90 -18.71 28.88
C ARG A 279 2.43 -19.58 30.03
N HIS A 280 2.52 -20.91 29.84
CA HIS A 280 3.05 -21.82 30.84
C HIS A 280 4.52 -21.51 31.11
N GLY A 281 5.29 -21.26 30.05
CA GLY A 281 6.69 -20.91 30.16
C GLY A 281 6.94 -19.63 30.95
N PHE A 282 6.15 -18.58 30.70
CA PHE A 282 6.31 -17.34 31.45
C PHE A 282 5.84 -17.48 32.91
N ASP A 283 4.87 -18.37 33.18
CA ASP A 283 4.39 -18.67 34.53
C ASP A 283 5.52 -19.36 35.29
N ILE A 284 6.19 -20.33 34.67
CA ILE A 284 7.32 -21.04 35.24
C ILE A 284 8.45 -20.04 35.51
N LEU A 285 8.81 -19.20 34.51
CA LEU A 285 9.89 -18.24 34.64
C LEU A 285 9.73 -17.27 35.79
N VAL A 286 8.56 -16.64 35.93
CA VAL A 286 8.30 -15.71 37.02
C VAL A 286 8.34 -16.44 38.36
N GLY A 287 7.73 -17.62 38.40
CA GLY A 287 7.72 -18.45 39.60
C GLY A 287 9.12 -18.86 40.05
N GLN A 288 10.00 -19.18 39.11
CA GLN A 288 11.36 -19.61 39.43
C GLN A 288 12.21 -18.44 39.90
N ILE A 289 11.99 -17.24 39.31
CA ILE A 289 12.65 -16.02 39.75
C ILE A 289 12.17 -15.69 41.17
N ASP A 290 10.85 -15.87 41.44
CA ASP A 290 10.30 -15.67 42.79
C ASP A 290 10.91 -16.64 43.83
N ASP A 291 11.10 -17.93 43.48
CA ASP A 291 11.71 -18.88 44.40
C ASP A 291 13.14 -18.44 44.73
N ALA A 292 13.91 -18.05 43.71
CA ALA A 292 15.29 -17.64 43.89
C ALA A 292 15.36 -16.36 44.75
N LEU A 293 14.44 -15.41 44.51
N LEU A 293 14.44 -15.42 44.51
CA LEU A 293 14.38 -14.15 45.25
CA LEU A 293 14.38 -14.15 45.25
C LEU A 293 14.06 -14.38 46.72
C LEU A 293 14.05 -14.38 46.73
N LYS A 294 13.19 -15.35 47.02
CA LYS A 294 12.83 -15.66 48.40
C LYS A 294 14.07 -16.22 49.12
N LEU A 295 14.85 -17.07 48.45
CA LEU A 295 16.07 -17.65 49.02
C LEU A 295 17.11 -16.56 49.24
N ALA A 296 17.27 -15.65 48.26
CA ALA A 296 18.19 -14.52 48.33
C ALA A 296 17.84 -13.54 49.44
N ASN A 297 16.55 -13.39 49.76
CA ASN A 297 16.09 -12.52 50.86
C ASN A 297 16.31 -13.16 52.25
N GLU A 298 16.46 -14.50 52.30
CA GLU A 298 16.78 -15.22 53.52
C GLU A 298 18.31 -15.35 53.76
N GLY A 299 19.12 -14.81 52.86
CA GLY A 299 20.58 -14.88 52.94
C GLY A 299 21.17 -16.21 52.49
N LYS A 300 20.42 -16.99 51.73
CA LYS A 300 20.89 -18.28 51.26
C LYS A 300 21.43 -18.14 49.86
N VAL A 301 22.65 -17.62 49.74
CA VAL A 301 23.27 -17.37 48.43
C VAL A 301 23.38 -18.63 47.56
N LYS A 302 23.99 -19.70 48.09
CA LYS A 302 24.22 -20.91 47.31
C LYS A 302 22.93 -21.53 46.82
N GLU A 303 21.90 -21.57 47.68
CA GLU A 303 20.61 -22.13 47.31
C GLU A 303 19.92 -21.24 46.27
N ALA A 304 20.07 -19.90 46.38
CA ALA A 304 19.48 -18.95 45.42
C ALA A 304 20.17 -19.08 44.06
N GLN A 305 21.49 -19.30 44.05
CA GLN A 305 22.23 -19.48 42.80
C GLN A 305 21.84 -20.81 42.13
N ALA A 306 21.64 -21.88 42.92
CA ALA A 306 21.21 -23.15 42.34
C ALA A 306 19.75 -23.04 41.82
N ALA A 307 18.90 -22.25 42.49
CA ALA A 307 17.53 -22.05 42.03
C ALA A 307 17.54 -21.25 40.72
N ALA A 308 18.41 -20.23 40.63
CA ALA A 308 18.50 -19.42 39.42
C ALA A 308 18.98 -20.26 38.23
N GLU A 309 19.80 -21.30 38.47
CA GLU A 309 20.26 -22.16 37.37
C GLU A 309 19.11 -22.90 36.69
N GLN A 310 18.04 -23.20 37.44
CA GLN A 310 16.87 -23.86 36.86
C GLN A 310 16.22 -23.02 35.75
N LEU A 311 16.37 -21.68 35.82
CA LEU A 311 15.86 -20.76 34.80
C LEU A 311 16.39 -21.11 33.41
N LYS A 312 17.57 -21.77 33.31
CA LYS A 312 18.14 -22.17 32.03
C LYS A 312 17.29 -23.23 31.35
N THR A 313 16.72 -24.17 32.12
CA THR A 313 15.86 -25.20 31.56
C THR A 313 14.61 -24.55 30.93
N THR A 314 14.03 -23.58 31.63
CA THR A 314 12.84 -22.85 31.17
C THR A 314 13.16 -21.98 29.95
N ARG A 315 14.33 -21.38 29.94
CA ARG A 315 14.77 -20.54 28.83
C ARG A 315 14.95 -21.41 27.57
N ASN A 316 15.54 -22.60 27.73
CA ASN A 316 15.77 -23.51 26.62
C ASN A 316 14.47 -24.11 26.09
N ALA A 317 13.58 -24.57 26.98
CA ALA A 317 12.35 -25.22 26.55
C ALA A 317 11.19 -24.29 26.19
N TYR A 318 11.16 -23.05 26.71
CA TYR A 318 10.03 -22.16 26.44
C TYR A 318 10.38 -20.78 25.89
N ILE A 319 11.19 -19.99 26.62
CA ILE A 319 11.52 -18.61 26.26
C ILE A 319 12.19 -18.48 24.88
N GLN A 320 13.12 -19.39 24.56
CA GLN A 320 13.80 -19.36 23.27
C GLN A 320 12.80 -19.57 22.12
N LYS A 321 11.82 -20.45 22.32
CA LYS A 321 10.80 -20.70 21.31
C LYS A 321 9.90 -19.48 21.14
N TYR A 322 9.58 -18.79 22.23
CA TYR A 322 8.78 -17.57 22.20
C TYR A 322 9.54 -16.50 21.39
N LEU A 323 10.82 -16.27 21.70
CA LEU A 323 11.65 -15.29 21.03
C LEU A 323 11.71 -15.57 19.51
N GLU A 324 11.93 -16.83 19.12
CA GLU A 324 12.04 -17.21 17.72
C GLU A 324 10.72 -16.98 16.99
N ARG A 325 9.59 -17.28 17.63
CA ARG A 325 8.29 -17.07 17.03
C ARG A 325 7.94 -15.58 16.93
N ALA A 326 8.28 -14.77 17.94
CA ALA A 326 8.01 -13.33 17.91
C ALA A 326 8.85 -12.64 16.84
N ARG A 327 10.10 -13.10 16.66
CA ARG A 327 11.01 -12.55 15.67
C ARG A 327 10.53 -12.91 14.27
N SER A 328 10.08 -14.16 14.08
CA SER A 328 9.56 -14.65 12.82
C SER A 328 8.27 -13.92 12.42
N THR A 329 7.42 -13.58 13.40
CA THR A 329 6.18 -12.85 13.14
C THR A 329 6.49 -11.42 12.70
N LEU A 330 7.47 -10.77 13.35
CA LEU A 330 7.88 -9.43 12.97
C LEU A 330 8.56 -9.42 11.59
N GLN A 331 9.33 -10.47 11.24
CA GLN A 331 9.97 -10.55 9.94
C GLN A 331 8.96 -10.70 8.80
N LYS A 332 7.88 -11.44 9.04
CA LYS A 332 6.79 -11.62 8.08
C LYS A 332 6.02 -10.32 7.89
N GLU A 333 5.88 -9.51 8.96
CA GLU A 333 5.23 -8.20 8.85
C GLU A 333 6.12 -7.22 8.07
N VAL A 334 7.45 -7.30 8.24
CA VAL A 334 8.36 -6.43 7.48
C VAL A 334 8.28 -6.82 5.99
N HIS A 335 8.30 -8.13 5.69
CA HIS A 335 8.20 -8.64 4.33
C HIS A 335 6.87 -8.18 3.69
N ALA A 336 5.77 -8.25 4.45
CA ALA A 336 4.47 -7.84 3.95
C ALA A 336 4.39 -6.32 3.71
N ALA A 337 4.97 -5.53 4.62
CA ALA A 337 4.96 -4.08 4.46
C ALA A 337 5.86 -3.68 3.29
N LYS A 338 6.94 -4.44 3.00
CA LYS A 338 7.78 -4.14 1.87
C LYS A 338 7.01 -4.40 0.58
N SER A 339 6.25 -5.51 0.51
CA SER A 339 5.43 -5.83 -0.66
C SER A 339 4.39 -4.72 -0.91
N ALA A 340 3.72 -4.27 0.16
CA ALA A 340 2.76 -3.20 0.05
C ALA A 340 3.43 -1.87 -0.39
N ALA A 341 4.63 -1.55 0.15
CA ALA A 341 5.37 -0.32 -0.22
C ALA A 341 5.82 -0.34 -1.66
N ILE A 342 6.19 -1.52 -2.18
CA ILE A 342 6.61 -1.66 -3.57
C ILE A 342 5.42 -1.29 -4.51
N ILE A 343 4.19 -1.72 -4.18
N ILE A 343 4.19 -1.73 -4.16
CA ILE A 343 3.03 -1.39 -5.00
CA ILE A 343 2.98 -1.43 -4.92
C ILE A 343 2.72 0.11 -4.96
C ILE A 343 2.73 0.08 -4.94
N ALA A 344 2.83 0.73 -3.77
CA ALA A 344 2.63 2.17 -3.66
C ALA A 344 3.73 2.94 -4.43
N GLY A 345 4.97 2.45 -4.40
CA GLY A 345 6.08 3.09 -5.09
C GLY A 345 5.95 2.92 -6.60
N LEU A 346 5.49 1.74 -7.04
CA LEU A 346 5.28 1.49 -8.48
C LEU A 346 4.14 2.36 -9.00
N PHE A 347 3.10 2.60 -8.19
CA PHE A 347 2.04 3.54 -8.60
C PHE A 347 2.65 4.95 -8.82
N ALA A 348 3.47 5.40 -7.87
CA ALA A 348 4.14 6.72 -8.01
C ALA A 348 5.05 6.76 -9.26
N LEU A 349 5.85 5.73 -9.47
N LEU A 349 5.86 5.73 -9.48
CA LEU A 349 6.74 5.65 -10.62
CA LEU A 349 6.76 5.69 -10.65
C LEU A 349 5.98 5.75 -11.95
C LEU A 349 6.01 5.70 -12.00
N CYS A 350 4.87 5.01 -12.08
CA CYS A 350 4.08 4.95 -13.32
C CYS A 350 3.30 6.23 -13.62
N TRP A 351 2.79 6.89 -12.58
CA TRP A 351 1.99 8.12 -12.79
C TRP A 351 2.78 9.40 -12.81
N LEU A 352 3.91 9.47 -12.08
CA LEU A 352 4.68 10.72 -11.97
C LEU A 352 5.08 11.32 -13.30
N PRO A 353 5.52 10.55 -14.32
CA PRO A 353 5.90 11.17 -15.59
C PRO A 353 4.81 12.01 -16.21
N LEU A 354 3.54 11.53 -16.25
CA LEU A 354 2.45 12.31 -16.84
C LEU A 354 2.18 13.57 -16.02
N HIS A 355 2.19 13.47 -14.69
CA HIS A 355 1.98 14.64 -13.81
C HIS A 355 3.11 15.67 -13.97
N ILE A 356 4.36 15.20 -14.10
CA ILE A 356 5.51 16.07 -14.33
C ILE A 356 5.41 16.76 -15.68
N ILE A 357 4.99 16.05 -16.74
CA ILE A 357 4.76 16.68 -18.05
C ILE A 357 3.70 17.78 -17.91
N ASN A 358 2.65 17.52 -17.14
CA ASN A 358 1.60 18.54 -16.91
C ASN A 358 2.20 19.76 -16.21
N CYS A 359 3.11 19.55 -15.24
CA CYS A 359 3.79 20.68 -14.59
C CYS A 359 4.58 21.52 -15.61
N PHE A 360 5.31 20.87 -16.55
CA PHE A 360 6.05 21.63 -17.57
C PHE A 360 5.09 22.41 -18.45
N THR A 361 4.01 21.78 -18.93
CA THR A 361 3.04 22.46 -19.79
C THR A 361 2.48 23.69 -19.07
N PHE A 362 2.15 23.52 -17.79
CA PHE A 362 1.53 24.58 -17.00
C PHE A 362 2.48 25.73 -16.60
N PHE A 363 3.59 25.38 -15.94
CA PHE A 363 4.53 26.33 -15.36
C PHE A 363 5.49 26.92 -16.36
N CYS A 364 5.69 26.26 -17.52
CA CYS A 364 6.60 26.78 -18.54
C CYS A 364 5.88 27.05 -19.88
N PRO A 365 5.09 28.12 -19.99
CA PRO A 365 4.46 28.46 -21.28
C PRO A 365 5.45 28.88 -22.37
N ASP A 366 6.72 29.17 -22.01
CA ASP A 366 7.76 29.46 -23.01
C ASP A 366 8.48 28.17 -23.51
N CYS A 367 8.20 27.03 -22.89
CA CYS A 367 8.78 25.74 -23.29
C CYS A 367 7.85 25.15 -24.33
N SER A 368 8.39 24.52 -25.40
CA SER A 368 7.55 23.80 -26.35
C SER A 368 6.81 22.66 -25.58
N HIS A 369 5.58 22.34 -25.96
CA HIS A 369 4.83 21.27 -25.30
C HIS A 369 5.57 19.94 -25.51
N ALA A 370 5.56 19.02 -24.52
CA ALA A 370 6.13 17.66 -24.69
C ALA A 370 5.53 17.05 -25.98
N PRO A 371 6.35 16.43 -26.83
CA PRO A 371 5.81 15.93 -28.12
C PRO A 371 4.75 14.85 -27.97
N LEU A 372 3.94 14.62 -29.00
CA LEU A 372 2.86 13.64 -28.94
C LEU A 372 3.36 12.25 -28.61
N TRP A 373 4.52 11.83 -29.15
CA TRP A 373 5.03 10.48 -28.87
C TRP A 373 5.32 10.32 -27.37
N LEU A 374 5.79 11.39 -26.72
CA LEU A 374 6.11 11.38 -25.29
C LEU A 374 4.84 11.36 -24.45
N MET A 375 3.79 12.07 -24.91
CA MET A 375 2.49 12.00 -24.23
C MET A 375 1.94 10.59 -24.29
N TYR A 376 2.05 9.94 -25.47
CA TYR A 376 1.54 8.57 -25.61
C TYR A 376 2.33 7.63 -24.68
N LEU A 377 3.66 7.82 -24.60
N LEU A 377 3.66 7.81 -24.60
CA LEU A 377 4.48 6.97 -23.73
CA LEU A 377 4.53 6.99 -23.75
C LEU A 377 4.13 7.14 -22.25
C LEU A 377 4.12 7.15 -22.27
N ALA A 378 3.92 8.39 -21.81
CA ALA A 378 3.56 8.67 -20.41
C ALA A 378 2.17 8.10 -20.10
N ILE A 379 1.24 8.16 -21.09
CA ILE A 379 -0.11 7.62 -20.86
C ILE A 379 -0.05 6.11 -20.74
N VAL A 380 0.67 5.47 -21.66
CA VAL A 380 0.83 4.02 -21.62
C VAL A 380 1.54 3.56 -20.34
N LEU A 381 2.54 4.30 -19.88
CA LEU A 381 3.24 3.94 -18.64
C LEU A 381 2.28 4.03 -17.45
N ALA A 382 1.44 5.06 -17.40
CA ALA A 382 0.48 5.21 -16.31
C ALA A 382 -0.50 4.00 -16.35
N HIS A 383 -0.95 3.59 -17.55
CA HIS A 383 -1.84 2.43 -17.67
C HIS A 383 -1.19 1.12 -17.30
N THR A 384 0.11 0.98 -17.58
N THR A 384 0.13 0.97 -17.58
CA THR A 384 0.85 -0.23 -17.24
CA THR A 384 0.84 -0.27 -17.22
C THR A 384 0.80 -0.51 -15.72
C THR A 384 0.81 -0.52 -15.72
N ASN A 385 0.60 0.53 -14.90
CA ASN A 385 0.48 0.34 -13.45
C ASN A 385 -0.70 -0.62 -13.12
N SER A 386 -1.73 -0.62 -13.95
CA SER A 386 -2.86 -1.52 -13.79
C SER A 386 -2.56 -2.97 -14.13
N VAL A 387 -1.39 -3.28 -14.69
CA VAL A 387 -0.99 -4.64 -14.96
C VAL A 387 -0.07 -5.19 -13.85
N VAL A 388 0.73 -4.33 -13.19
CA VAL A 388 1.81 -4.84 -12.33
C VAL A 388 1.44 -5.49 -10.96
N ASN A 389 0.41 -5.03 -10.24
CA ASN A 389 0.12 -5.59 -8.90
C ASN A 389 -0.05 -7.12 -8.87
N PRO A 390 -0.76 -7.80 -9.79
CA PRO A 390 -0.83 -9.27 -9.73
C PRO A 390 0.54 -9.95 -9.75
N PHE A 391 1.53 -9.32 -10.41
CA PHE A 391 2.89 -9.87 -10.46
C PHE A 391 3.59 -9.73 -9.14
N ILE A 392 3.42 -8.57 -8.47
CA ILE A 392 4.06 -8.37 -7.18
C ILE A 392 3.46 -9.33 -6.14
N TYR A 393 2.14 -9.57 -6.21
CA TYR A 393 1.51 -10.51 -5.30
C TYR A 393 2.02 -11.93 -5.57
N ALA A 394 2.13 -12.32 -6.85
CA ALA A 394 2.60 -13.67 -7.19
C ALA A 394 4.05 -13.91 -6.76
N TYR A 395 4.92 -12.91 -6.95
CA TYR A 395 6.33 -13.05 -6.60
C TYR A 395 6.64 -12.93 -5.12
N ARG A 396 5.84 -12.16 -4.36
CA ARG A 396 6.14 -11.91 -2.96
C ARG A 396 5.19 -12.50 -1.92
N ILE A 397 4.00 -12.96 -2.31
CA ILE A 397 3.02 -13.47 -1.35
C ILE A 397 2.66 -14.89 -1.67
N ARG A 398 3.18 -15.84 -0.87
CA ARG A 398 2.98 -17.27 -1.08
C ARG A 398 1.51 -17.65 -1.19
N GLU A 399 0.65 -17.13 -0.31
CA GLU A 399 -0.78 -17.47 -0.34
C GLU A 399 -1.45 -17.08 -1.66
N PHE A 400 -1.05 -15.94 -2.29
CA PHE A 400 -1.61 -15.55 -3.59
C PHE A 400 -1.01 -16.44 -4.65
N ARG A 401 0.31 -16.62 -4.64
CA ARG A 401 1.04 -17.47 -5.57
C ARG A 401 0.43 -18.89 -5.67
N GLN A 402 0.17 -19.54 -4.53
CA GLN A 402 -0.42 -20.88 -4.53
C GLN A 402 -1.86 -20.91 -5.04
N THR A 403 -2.64 -19.88 -4.69
CA THR A 403 -4.02 -19.79 -5.16
C THR A 403 -4.10 -19.51 -6.66
N PHE A 404 -3.20 -18.68 -7.20
CA PHE A 404 -3.15 -18.41 -8.64
C PHE A 404 -2.81 -19.72 -9.37
N ARG A 405 -1.84 -20.49 -8.84
N ARG A 405 -1.85 -20.49 -8.85
CA ARG A 405 -1.44 -21.77 -9.41
CA ARG A 405 -1.46 -21.77 -9.45
C ARG A 405 -2.61 -22.75 -9.44
C ARG A 405 -2.62 -22.75 -9.45
N LYS A 406 -3.40 -22.79 -8.36
CA LYS A 406 -4.58 -23.67 -8.25
C LYS A 406 -5.69 -23.25 -9.22
N ILE A 407 -5.95 -21.94 -9.39
CA ILE A 407 -6.98 -21.46 -10.32
C ILE A 407 -6.59 -21.75 -11.77
N ILE A 408 -5.33 -21.46 -12.12
CA ILE A 408 -4.86 -21.67 -13.49
C ILE A 408 -4.80 -23.18 -13.82
N ARG A 409 -4.48 -24.03 -12.84
CA ARG A 409 -4.44 -25.48 -13.06
C ARG A 409 -5.85 -26.07 -13.19
N SER A 410 -6.72 -25.81 -12.22
CA SER A 410 -8.10 -26.31 -12.25
C SER A 410 -8.89 -25.65 -13.37
#